data_5EHJ
#
_entry.id   5EHJ
#
_cell.length_a   55.000
_cell.length_b   81.990
_cell.length_c   58.320
_cell.angle_alpha   90.000
_cell.angle_beta   110.450
_cell.angle_gamma   90.000
#
_symmetry.space_group_name_H-M   'P 1 21 1'
#
loop_
_entity.id
_entity.type
_entity.pdbx_description
1 polymer 'Estrogen receptor'
2 polymer NCOA2
3 non-polymer "4,4'-[(4aR,8aR)-octahydronaphthalen-2(1H)-ylidenemethanediyl]diphenol"
4 water water
#
loop_
_entity_poly.entity_id
_entity_poly.type
_entity_poly.pdbx_seq_one_letter_code
_entity_poly.pdbx_strand_id
1 'polypeptide(L)'
;IKRSKKNSLALSLTADQMVSALLDAEPPILYSEYDPTRPFSEASMMGLLTNLADRELVHMINWAKRVPGFVDLTLHDQVH
LLECAWLEILMIGLVWRSMEHPGKLLFAPNLLLDRNQGKCVEGMVEIFDMLLATSSRFRMMNLQGEEFVCLKSIILLNSG
VYTFLSSTLKSLEEKDHIHRVLDKITDTLIHLMAKAGLTLQQQHQRLAQLLLILSHIRHMSNKGMEHLYSMKCKNVVPLS
DLLLEMLDAHRLHAPTS
;
A,B
2 'polypeptide(L)' KHKILHRLLQDSSS C,D
#
# COMPACT_ATOMS: atom_id res chain seq x y z
N SER A 8 -22.69 18.26 -0.54
CA SER A 8 -21.43 18.06 0.16
C SER A 8 -20.60 19.34 0.18
N LEU A 9 -20.41 19.90 1.37
CA LEU A 9 -19.69 21.16 1.53
C LEU A 9 -18.19 20.99 1.30
N ALA A 10 -17.72 19.75 1.35
CA ALA A 10 -16.29 19.45 1.19
C ALA A 10 -15.76 19.89 -0.17
N LEU A 11 -16.58 19.69 -1.21
CA LEU A 11 -16.18 20.03 -2.56
C LEU A 11 -16.12 21.55 -2.77
N SER A 12 -16.92 22.28 -1.99
CA SER A 12 -16.99 23.73 -2.13
C SER A 12 -15.91 24.43 -1.31
N LEU A 13 -15.31 23.69 -0.38
CA LEU A 13 -14.25 24.24 0.45
C LEU A 13 -13.05 24.68 -0.39
N THR A 14 -12.30 25.66 0.11
CA THR A 14 -11.07 26.07 -0.56
C THR A 14 -9.92 25.25 -0.01
N ALA A 15 -8.74 25.42 -0.59
CA ALA A 15 -7.56 24.68 -0.17
C ALA A 15 -7.18 25.01 1.26
N ASP A 16 -7.26 26.29 1.61
CA ASP A 16 -6.95 26.73 2.97
C ASP A 16 -8.04 26.31 3.95
N GLN A 17 -9.29 26.35 3.50
CA GLN A 17 -10.41 25.90 4.32
C GLN A 17 -10.30 24.41 4.59
N MET A 18 -9.77 23.67 3.62
CA MET A 18 -9.55 22.24 3.77
C MET A 18 -8.48 21.96 4.81
N VAL A 19 -7.39 22.73 4.76
CA VAL A 19 -6.29 22.58 5.70
C VAL A 19 -6.72 22.89 7.13
N SER A 20 -7.37 24.03 7.32
CA SER A 20 -7.81 24.46 8.65
C SER A 20 -8.81 23.49 9.26
N ALA A 21 -9.62 22.87 8.41
CA ALA A 21 -10.60 21.89 8.86
C ALA A 21 -9.89 20.63 9.37
N LEU A 22 -8.90 20.18 8.61
CA LEU A 22 -8.15 18.98 8.97
C LEU A 22 -7.27 19.20 10.19
N LEU A 23 -6.67 20.37 10.28
CA LEU A 23 -5.79 20.70 11.41
C LEU A 23 -6.57 20.81 12.71
N ASP A 24 -7.77 21.37 12.63
CA ASP A 24 -8.61 21.57 13.81
C ASP A 24 -9.28 20.26 14.24
N ALA A 25 -9.30 19.29 13.34
CA ALA A 25 -9.90 18.00 13.62
C ALA A 25 -8.90 17.03 14.24
N GLU A 26 -7.64 17.48 14.33
CA GLU A 26 -6.56 16.65 14.84
C GLU A 26 -6.83 16.12 16.24
N PRO A 27 -6.76 14.78 16.39
CA PRO A 27 -6.88 14.16 17.71
C PRO A 27 -5.67 14.47 18.57
N PRO A 28 -5.85 14.50 19.90
CA PRO A 28 -4.76 14.82 20.83
C PRO A 28 -3.72 13.71 20.91
N ILE A 29 -2.54 14.06 21.42
CA ILE A 29 -1.50 13.07 21.68
C ILE A 29 -1.69 12.49 23.08
N LEU A 30 -2.25 11.29 23.15
CA LEU A 30 -2.58 10.68 24.43
C LEU A 30 -1.35 10.14 25.15
N TYR A 31 -1.45 10.06 26.48
CA TYR A 31 -0.39 9.47 27.29
C TYR A 31 -0.72 8.01 27.61
N SER A 32 0.31 7.21 27.80
CA SER A 32 0.12 5.83 28.24
C SER A 32 0.08 5.79 29.76
N GLU A 33 -0.25 4.63 30.30
CA GLU A 33 -0.19 4.42 31.75
C GLU A 33 1.23 4.70 32.23
N TYR A 34 1.36 5.44 33.32
CA TYR A 34 2.68 5.87 33.78
C TYR A 34 3.48 4.73 34.40
N ASP A 35 4.21 5.05 35.47
CA ASP A 35 5.19 4.15 36.09
C ASP A 35 6.34 3.90 35.11
N PRO A 36 7.56 4.37 35.48
CA PRO A 36 8.71 4.40 34.59
C PRO A 36 9.34 3.04 34.32
N THR A 37 8.64 1.97 34.68
CA THR A 37 9.14 0.62 34.43
C THR A 37 9.20 0.33 32.93
N ARG A 38 10.42 0.26 32.40
CA ARG A 38 10.61 -0.04 30.99
C ARG A 38 10.12 -1.45 30.67
N PRO A 39 9.13 -1.56 29.78
CA PRO A 39 8.52 -2.85 29.43
C PRO A 39 9.46 -3.75 28.62
N PHE A 40 9.86 -4.87 29.22
CA PHE A 40 10.71 -5.84 28.53
C PHE A 40 9.95 -7.16 28.35
N SER A 41 8.77 -7.25 28.94
CA SER A 41 7.93 -8.43 28.79
C SER A 41 6.99 -8.27 27.60
N GLU A 42 6.49 -9.39 27.09
CA GLU A 42 5.59 -9.36 25.95
C GLU A 42 4.18 -8.95 26.38
N ALA A 43 3.81 -9.28 27.61
CA ALA A 43 2.49 -8.97 28.13
C ALA A 43 2.39 -7.50 28.53
N SER A 44 3.42 -7.00 29.23
CA SER A 44 3.44 -5.61 29.67
C SER A 44 3.57 -4.67 28.48
N MET A 45 4.30 -5.10 27.45
CA MET A 45 4.48 -4.31 26.25
C MET A 45 3.14 -4.10 25.53
N MET A 46 2.52 -5.20 25.13
CA MET A 46 1.28 -5.15 24.37
C MET A 46 0.12 -4.61 25.22
N GLY A 47 0.17 -4.88 26.52
CA GLY A 47 -0.83 -4.37 27.43
C GLY A 47 -0.81 -2.86 27.48
N LEU A 48 0.38 -2.29 27.34
CA LEU A 48 0.55 -0.84 27.35
C LEU A 48 0.10 -0.23 26.03
N LEU A 49 0.34 -0.96 24.94
CA LEU A 49 0.00 -0.48 23.61
C LEU A 49 -1.48 -0.69 23.28
N THR A 50 -2.05 -1.78 23.79
CA THR A 50 -3.48 -2.06 23.59
C THR A 50 -4.32 -1.02 24.28
N ASN A 51 -3.93 -0.65 25.50
CA ASN A 51 -4.64 0.38 26.27
C ASN A 51 -4.56 1.73 25.58
N LEU A 52 -3.39 2.04 25.02
CA LEU A 52 -3.18 3.29 24.31
C LEU A 52 -3.99 3.35 23.02
N ALA A 53 -3.89 2.28 22.22
CA ALA A 53 -4.58 2.21 20.94
C ALA A 53 -6.10 2.28 21.11
N ASP A 54 -6.60 1.61 22.14
CA ASP A 54 -8.04 1.60 22.41
C ASP A 54 -8.57 2.99 22.71
N ARG A 55 -7.81 3.76 23.48
CA ARG A 55 -8.18 5.13 23.81
C ARG A 55 -8.06 6.03 22.59
N GLU A 56 -7.07 5.76 21.74
CA GLU A 56 -6.88 6.51 20.51
C GLU A 56 -8.00 6.28 19.51
N LEU A 57 -8.54 5.06 19.51
CA LEU A 57 -9.63 4.70 18.60
C LEU A 57 -10.85 5.59 18.80
N VAL A 58 -11.12 5.94 20.05
CA VAL A 58 -12.27 6.79 20.38
C VAL A 58 -12.09 8.18 19.78
N HIS A 59 -10.88 8.72 19.86
CA HIS A 59 -10.58 10.03 19.29
C HIS A 59 -10.55 9.98 17.77
N MET A 60 -10.12 8.85 17.21
CA MET A 60 -10.06 8.67 15.77
C MET A 60 -11.44 8.74 15.14
N ILE A 61 -12.40 8.06 15.77
CA ILE A 61 -13.78 8.02 15.28
C ILE A 61 -14.38 9.42 15.19
N ASN A 62 -14.20 10.21 16.25
CA ASN A 62 -14.70 11.57 16.26
C ASN A 62 -13.87 12.48 15.36
N TRP A 63 -12.63 12.08 15.09
CA TRP A 63 -11.79 12.80 14.14
C TRP A 63 -12.28 12.56 12.72
N ALA A 64 -12.69 11.33 12.44
CA ALA A 64 -13.18 10.96 11.11
C ALA A 64 -14.44 11.74 10.75
N LYS A 65 -15.29 11.97 11.74
CA LYS A 65 -16.52 12.71 11.54
C LYS A 65 -16.25 14.13 11.04
N ARG A 66 -15.16 14.71 11.53
CA ARG A 66 -14.81 16.09 11.19
C ARG A 66 -13.94 16.17 9.94
N VAL A 67 -13.74 15.02 9.29
CA VAL A 67 -13.07 14.99 8.00
C VAL A 67 -14.08 15.29 6.90
N PRO A 68 -13.81 16.33 6.10
CA PRO A 68 -14.70 16.79 5.03
C PRO A 68 -15.08 15.69 4.04
N GLY A 69 -16.37 15.40 3.94
CA GLY A 69 -16.87 14.40 3.00
C GLY A 69 -17.19 13.06 3.65
N PHE A 70 -16.63 12.83 4.84
CA PHE A 70 -16.83 11.58 5.55
C PHE A 70 -18.26 11.47 6.11
N VAL A 71 -18.80 12.60 6.54
CA VAL A 71 -20.14 12.62 7.13
C VAL A 71 -21.21 12.46 6.05
N ASP A 72 -20.83 12.72 4.80
CA ASP A 72 -21.77 12.60 3.69
C ASP A 72 -22.05 11.14 3.34
N LEU A 73 -21.16 10.26 3.76
CA LEU A 73 -21.31 8.83 3.50
C LEU A 73 -22.36 8.20 4.42
N THR A 74 -22.82 7.00 4.05
CA THR A 74 -23.75 6.27 4.90
C THR A 74 -23.00 5.74 6.13
N LEU A 75 -23.76 5.34 7.15
CA LEU A 75 -23.17 4.82 8.38
C LEU A 75 -22.34 3.58 8.12
N HIS A 76 -22.87 2.68 7.29
CA HIS A 76 -22.19 1.43 6.97
C HIS A 76 -20.88 1.68 6.21
N ASP A 77 -20.85 2.74 5.40
CA ASP A 77 -19.64 3.12 4.68
C ASP A 77 -18.62 3.71 5.63
N GLN A 78 -19.09 4.51 6.60
CA GLN A 78 -18.22 5.08 7.60
C GLN A 78 -17.60 3.98 8.45
N VAL A 79 -18.40 2.95 8.75
CA VAL A 79 -17.93 1.80 9.51
C VAL A 79 -16.85 1.04 8.73
N HIS A 80 -17.16 0.74 7.46
CA HIS A 80 -16.24 -0.02 6.62
C HIS A 80 -14.91 0.70 6.42
N LEU A 81 -14.97 2.01 6.19
CA LEU A 81 -13.77 2.81 5.97
C LEU A 81 -12.88 2.83 7.21
N LEU A 82 -13.50 2.96 8.38
CA LEU A 82 -12.76 2.98 9.64
C LEU A 82 -12.22 1.59 9.98
N GLU A 83 -12.98 0.56 9.66
CA GLU A 83 -12.55 -0.82 9.91
C GLU A 83 -11.30 -1.18 9.09
N CYS A 84 -11.19 -0.59 7.90
CA CYS A 84 -10.09 -0.91 6.99
C CYS A 84 -8.80 -0.17 7.32
N ALA A 85 -8.93 1.08 7.77
CA ALA A 85 -7.77 1.96 7.86
C ALA A 85 -7.39 2.36 9.29
N TRP A 86 -8.04 1.79 10.29
CA TRP A 86 -7.82 2.23 11.67
C TRP A 86 -6.39 2.01 12.13
N LEU A 87 -5.74 0.95 11.64
CA LEU A 87 -4.38 0.67 12.04
C LEU A 87 -3.38 1.50 11.23
N GLU A 88 -3.72 1.77 9.97
CA GLU A 88 -2.89 2.62 9.13
C GLU A 88 -2.84 4.03 9.69
N ILE A 89 -3.99 4.50 10.16
CA ILE A 89 -4.12 5.83 10.74
C ILE A 89 -3.34 5.91 12.06
N LEU A 90 -3.43 4.85 12.86
CA LEU A 90 -2.68 4.79 14.11
C LEU A 90 -1.17 4.78 13.85
N MET A 91 -0.77 4.09 12.78
CA MET A 91 0.64 3.96 12.46
C MET A 91 1.23 5.25 11.88
N ILE A 92 0.50 5.89 10.98
CA ILE A 92 0.98 7.13 10.37
C ILE A 92 1.05 8.24 11.42
N GLY A 93 0.21 8.12 12.45
CA GLY A 93 0.27 9.05 13.57
C GLY A 93 1.50 8.76 14.42
N LEU A 94 1.75 7.48 14.68
CA LEU A 94 2.91 7.04 15.43
C LEU A 94 4.21 7.46 14.73
N VAL A 95 4.26 7.20 13.43
CA VAL A 95 5.42 7.54 12.61
C VAL A 95 5.66 9.06 12.62
N TRP A 96 4.57 9.82 12.57
CA TRP A 96 4.66 11.28 12.62
C TRP A 96 5.23 11.78 13.95
N ARG A 97 4.76 11.20 15.05
CA ARG A 97 5.24 11.59 16.37
C ARG A 97 6.69 11.19 16.60
N SER A 98 7.14 10.19 15.86
CA SER A 98 8.48 9.62 16.07
C SER A 98 9.54 10.26 15.18
N MET A 99 9.15 11.31 14.44
CA MET A 99 10.07 11.96 13.51
C MET A 99 11.29 12.56 14.21
N GLU A 100 11.04 13.34 15.25
CA GLU A 100 12.12 14.05 15.95
C GLU A 100 12.96 13.12 16.81
N HIS A 101 12.63 11.83 16.80
CA HIS A 101 13.38 10.84 17.58
C HIS A 101 13.85 9.69 16.70
N PRO A 102 14.98 9.86 16.02
CA PRO A 102 15.55 8.83 15.15
C PRO A 102 15.88 7.54 15.91
N GLY A 103 15.52 6.40 15.32
CA GLY A 103 15.78 5.12 15.96
C GLY A 103 14.87 4.84 17.14
N LYS A 104 13.83 5.65 17.28
CA LYS A 104 12.90 5.50 18.40
C LYS A 104 11.45 5.74 17.96
N LEU A 105 10.53 5.03 18.60
CA LEU A 105 9.11 5.18 18.30
C LEU A 105 8.37 5.85 19.46
N LEU A 106 7.80 7.02 19.21
CA LEU A 106 7.10 7.77 20.24
C LEU A 106 5.61 7.43 20.27
N PHE A 107 5.28 6.30 20.88
CA PHE A 107 3.89 5.89 21.05
C PHE A 107 3.15 6.89 21.93
N ALA A 108 3.86 7.40 22.92
CA ALA A 108 3.33 8.40 23.84
C ALA A 108 4.51 9.20 24.39
N PRO A 109 4.24 10.46 24.79
CA PRO A 109 5.31 11.31 25.33
C PRO A 109 6.05 10.69 26.52
N ASN A 110 5.36 9.82 27.26
CA ASN A 110 5.99 9.11 28.37
C ASN A 110 6.29 7.66 28.03
N LEU A 111 6.23 7.33 26.74
CA LEU A 111 6.48 5.98 26.27
C LEU A 111 7.29 5.98 24.98
N LEU A 112 8.60 5.97 25.12
CA LEU A 112 9.50 6.00 23.97
C LEU A 112 10.27 4.67 23.87
N LEU A 113 10.04 3.94 22.79
CA LEU A 113 10.61 2.61 22.64
C LEU A 113 11.62 2.55 21.49
N ASP A 114 12.62 1.68 21.62
CA ASP A 114 13.62 1.48 20.58
C ASP A 114 13.56 0.05 20.04
N ARG A 115 14.44 -0.26 19.09
CA ARG A 115 14.43 -1.55 18.40
C ARG A 115 14.66 -2.72 19.35
N ASN A 116 15.33 -2.47 20.47
CA ASN A 116 15.65 -3.53 21.43
C ASN A 116 14.43 -3.98 22.23
N GLN A 117 13.29 -3.32 22.02
CA GLN A 117 12.06 -3.65 22.72
C GLN A 117 11.23 -4.67 21.93
N GLY A 118 11.81 -5.23 20.87
CA GLY A 118 11.13 -6.19 20.04
C GLY A 118 10.89 -7.52 20.74
N LYS A 119 9.64 -7.78 21.08
CA LYS A 119 9.27 -9.01 21.76
C LYS A 119 7.78 -9.31 21.60
N MET A 124 6.44 -7.43 17.01
CA MET A 124 7.49 -7.87 16.11
C MET A 124 8.55 -6.79 15.92
N VAL A 125 9.78 -7.21 15.62
CA VAL A 125 10.87 -6.28 15.37
C VAL A 125 10.91 -5.90 13.90
N GLU A 126 10.39 -6.77 13.05
CA GLU A 126 10.34 -6.52 11.61
C GLU A 126 9.44 -5.33 11.31
N ILE A 127 8.26 -5.32 11.93
CA ILE A 127 7.32 -4.22 11.78
C ILE A 127 7.86 -2.97 12.48
N PHE A 128 8.59 -3.18 13.57
CA PHE A 128 9.20 -2.09 14.32
C PHE A 128 10.20 -1.33 13.46
N ASP A 129 11.03 -2.07 12.73
CA ASP A 129 12.04 -1.46 11.86
C ASP A 129 11.40 -0.74 10.67
N MET A 130 10.30 -1.29 10.17
CA MET A 130 9.57 -0.67 9.07
C MET A 130 9.00 0.68 9.49
N LEU A 131 8.56 0.75 10.74
CA LEU A 131 8.02 1.99 11.29
C LEU A 131 9.10 3.04 11.47
N LEU A 132 10.28 2.60 11.89
CA LEU A 132 11.42 3.49 12.05
C LEU A 132 11.91 4.00 10.70
N ALA A 133 11.88 3.13 9.69
CA ALA A 133 12.30 3.50 8.35
C ALA A 133 11.34 4.54 7.76
N THR A 134 10.05 4.35 8.02
CA THR A 134 9.03 5.29 7.56
C THR A 134 9.21 6.64 8.26
N SER A 135 9.56 6.59 9.54
CA SER A 135 9.78 7.80 10.33
C SER A 135 10.98 8.58 9.82
N SER A 136 12.06 7.87 9.49
CA SER A 136 13.26 8.49 8.95
C SER A 136 12.98 9.13 7.60
N ARG A 137 12.12 8.48 6.82
CA ARG A 137 11.76 8.98 5.49
C ARG A 137 10.99 10.30 5.59
N PHE A 138 10.03 10.36 6.51
CA PHE A 138 9.29 11.60 6.75
C PHE A 138 10.23 12.71 7.19
N ARG A 139 11.20 12.35 8.04
CA ARG A 139 12.15 13.32 8.57
C ARG A 139 13.06 13.88 7.49
N MET A 140 13.48 13.03 6.55
CA MET A 140 14.36 13.46 5.47
C MET A 140 13.62 14.27 4.42
N MET A 141 12.31 14.08 4.34
CA MET A 141 11.49 14.82 3.38
C MET A 141 10.95 16.10 4.00
N ASN A 142 11.20 16.27 5.29
CA ASN A 142 10.67 17.41 6.05
C ASN A 142 9.16 17.52 5.92
N LEU A 143 8.47 16.43 6.30
CA LEU A 143 7.02 16.38 6.23
C LEU A 143 6.38 17.42 7.15
N GLN A 144 5.58 18.31 6.56
CA GLN A 144 4.90 19.34 7.33
C GLN A 144 3.58 18.83 7.89
N GLY A 145 3.10 19.49 8.94
CA GLY A 145 1.86 19.11 9.60
C GLY A 145 0.66 19.19 8.67
N GLU A 146 0.66 20.18 7.79
CA GLU A 146 -0.41 20.36 6.82
C GLU A 146 -0.42 19.19 5.82
N GLU A 147 0.76 18.67 5.52
CA GLU A 147 0.88 17.53 4.62
C GLU A 147 0.46 16.24 5.33
N PHE A 148 0.77 16.15 6.60
CA PHE A 148 0.45 14.97 7.41
C PHE A 148 -1.06 14.73 7.51
N VAL A 149 -1.80 15.78 7.83
CA VAL A 149 -3.24 15.66 8.03
C VAL A 149 -3.97 15.34 6.72
N CYS A 150 -3.34 15.68 5.60
CA CYS A 150 -3.91 15.37 4.28
C CYS A 150 -3.68 13.90 3.94
N LEU A 151 -2.49 13.40 4.23
CA LEU A 151 -2.16 12.00 3.98
C LEU A 151 -3.03 11.07 4.82
N LYS A 152 -3.23 11.44 6.09
CA LYS A 152 -4.04 10.64 6.99
C LYS A 152 -5.49 10.59 6.52
N SER A 153 -5.97 11.71 6.00
CA SER A 153 -7.32 11.78 5.47
C SER A 153 -7.47 10.91 4.23
N ILE A 154 -6.44 10.89 3.40
CA ILE A 154 -6.42 10.05 2.21
C ILE A 154 -6.53 8.58 2.59
N ILE A 155 -5.74 8.17 3.59
CA ILE A 155 -5.77 6.81 4.10
C ILE A 155 -7.17 6.41 4.54
N LEU A 156 -7.86 7.35 5.19
CA LEU A 156 -9.22 7.12 5.67
C LEU A 156 -10.18 6.84 4.52
N LEU A 157 -10.04 7.58 3.43
CA LEU A 157 -10.99 7.51 2.32
C LEU A 157 -10.60 6.49 1.27
N ASN A 158 -9.31 6.22 1.13
CA ASN A 158 -8.81 5.35 0.07
C ASN A 158 -8.80 3.88 0.42
N SER A 159 -8.47 3.56 1.66
CA SER A 159 -8.21 2.18 2.08
C SER A 159 -9.38 1.22 1.82
N GLY A 160 -10.60 1.67 2.11
CA GLY A 160 -11.76 0.83 1.93
C GLY A 160 -12.74 1.35 0.89
N VAL A 161 -12.22 1.91 -0.19
CA VAL A 161 -13.05 2.53 -1.21
C VAL A 161 -13.73 1.49 -2.09
N TYR A 162 -13.44 0.21 -1.84
CA TYR A 162 -14.08 -0.87 -2.58
C TYR A 162 -15.17 -1.55 -1.74
N GLU A 174 -22.13 7.32 -5.69
CA GLU A 174 -21.77 6.91 -4.33
C GLU A 174 -20.26 6.80 -4.17
N LYS A 175 -19.63 5.98 -4.99
CA LYS A 175 -18.19 5.79 -4.95
C LYS A 175 -17.47 6.99 -5.54
N ASP A 176 -18.18 7.78 -6.34
CA ASP A 176 -17.62 8.97 -6.94
C ASP A 176 -17.28 10.02 -5.89
N HIS A 177 -18.13 10.14 -4.87
CA HIS A 177 -17.97 11.14 -3.81
C HIS A 177 -16.60 11.04 -3.15
N ILE A 178 -16.21 9.83 -2.77
CA ILE A 178 -14.90 9.59 -2.16
C ILE A 178 -13.80 10.00 -3.13
N HIS A 179 -13.96 9.65 -4.40
CA HIS A 179 -12.99 9.99 -5.43
C HIS A 179 -12.93 11.50 -5.66
N ARG A 180 -14.04 12.18 -5.43
CA ARG A 180 -14.09 13.63 -5.56
C ARG A 180 -13.35 14.31 -4.42
N VAL A 181 -13.53 13.80 -3.21
CA VAL A 181 -12.85 14.35 -2.04
C VAL A 181 -11.35 14.03 -2.10
N LEU A 182 -11.02 12.84 -2.60
CA LEU A 182 -9.64 12.45 -2.78
C LEU A 182 -8.93 13.36 -3.77
N ASP A 183 -9.65 13.75 -4.82
CA ASP A 183 -9.14 14.72 -5.77
C ASP A 183 -8.97 16.08 -5.11
N LYS A 184 -9.86 16.39 -4.19
CA LYS A 184 -9.83 17.67 -3.48
C LYS A 184 -8.62 17.76 -2.56
N ILE A 185 -8.30 16.66 -1.89
CA ILE A 185 -7.14 16.60 -1.01
C ILE A 185 -5.85 16.69 -1.81
N THR A 186 -5.86 16.11 -3.01
CA THR A 186 -4.72 16.19 -3.92
C THR A 186 -4.44 17.65 -4.29
N ASP A 187 -5.49 18.38 -4.59
CA ASP A 187 -5.39 19.81 -4.90
C ASP A 187 -4.85 20.57 -3.68
N THR A 188 -5.26 20.12 -2.50
CA THR A 188 -4.83 20.73 -1.25
C THR A 188 -3.34 20.49 -1.02
N LEU A 189 -2.88 19.27 -1.30
CA LEU A 189 -1.48 18.92 -1.16
C LEU A 189 -0.60 19.76 -2.09
N ILE A 190 -1.01 19.87 -3.35
CA ILE A 190 -0.30 20.67 -4.34
C ILE A 190 -0.28 22.15 -3.94
N HIS A 191 -1.42 22.62 -3.43
CA HIS A 191 -1.55 24.00 -2.98
C HIS A 191 -0.56 24.33 -1.86
N LEU A 192 -0.35 23.37 -0.97
CA LEU A 192 0.58 23.56 0.14
C LEU A 192 2.03 23.64 -0.36
N MET A 193 2.35 22.80 -1.33
CA MET A 193 3.70 22.76 -1.88
C MET A 193 4.01 24.02 -2.69
N ALA A 194 3.02 24.51 -3.42
CA ALA A 194 3.18 25.73 -4.20
C ALA A 194 3.39 26.94 -3.29
N LYS A 195 2.78 26.90 -2.12
CA LYS A 195 2.94 27.97 -1.14
C LYS A 195 4.31 27.91 -0.47
N ALA A 196 4.92 26.73 -0.50
CA ALA A 196 6.24 26.54 0.10
C ALA A 196 7.34 26.91 -0.87
N GLY A 197 6.97 27.43 -2.03
CA GLY A 197 7.92 27.88 -3.03
C GLY A 197 8.45 26.76 -3.91
N LEU A 198 7.83 25.58 -3.85
CA LEU A 198 8.26 24.45 -4.66
C LEU A 198 7.94 24.68 -6.15
N THR A 199 8.89 24.30 -7.01
CA THR A 199 8.73 24.44 -8.46
C THR A 199 7.67 23.48 -8.98
N LEU A 200 7.29 23.63 -10.24
CA LEU A 200 6.28 22.77 -10.84
C LEU A 200 6.67 21.29 -10.81
N GLN A 201 7.96 21.02 -11.02
CA GLN A 201 8.45 19.64 -11.02
C GLN A 201 8.56 19.09 -9.60
N GLN A 202 9.00 19.93 -8.66
CA GLN A 202 9.16 19.49 -7.28
C GLN A 202 7.82 19.18 -6.62
N GLN A 203 6.74 19.72 -7.19
CA GLN A 203 5.40 19.50 -6.66
C GLN A 203 4.89 18.08 -6.94
N HIS A 204 4.87 17.68 -8.21
CA HIS A 204 4.35 16.36 -8.56
C HIS A 204 5.32 15.25 -8.14
N GLN A 205 6.60 15.60 -7.99
CA GLN A 205 7.58 14.65 -7.49
C GLN A 205 7.33 14.35 -6.02
N ARG A 206 7.22 15.40 -5.21
CA ARG A 206 6.95 15.25 -3.79
C ARG A 206 5.58 14.64 -3.56
N LEU A 207 4.63 14.96 -4.43
CA LEU A 207 3.31 14.37 -4.38
C LEU A 207 3.40 12.86 -4.55
N ALA A 208 4.25 12.43 -5.48
CA ALA A 208 4.45 11.01 -5.73
C ALA A 208 5.13 10.33 -4.56
N GLN A 209 6.14 11.00 -4.00
CA GLN A 209 6.91 10.45 -2.89
C GLN A 209 6.04 10.23 -1.66
N LEU A 210 5.13 11.17 -1.39
CA LEU A 210 4.25 11.07 -0.24
C LEU A 210 3.25 9.92 -0.37
N LEU A 211 2.74 9.73 -1.58
CA LEU A 211 1.70 8.73 -1.81
C LEU A 211 2.26 7.30 -1.89
N LEU A 212 3.53 7.19 -2.26
CA LEU A 212 4.17 5.87 -2.33
C LEU A 212 4.43 5.32 -0.94
N ILE A 213 4.58 6.22 0.03
CA ILE A 213 4.79 5.81 1.41
C ILE A 213 3.50 5.19 1.97
N LEU A 214 2.37 5.66 1.46
CA LEU A 214 1.07 5.12 1.83
C LEU A 214 0.95 3.64 1.49
N SER A 215 1.68 3.21 0.46
CA SER A 215 1.72 1.81 0.09
C SER A 215 2.46 0.99 1.15
N HIS A 216 3.44 1.62 1.79
CA HIS A 216 4.22 0.97 2.83
C HIS A 216 3.46 0.96 4.16
N ILE A 217 2.70 2.02 4.40
CA ILE A 217 1.86 2.10 5.59
C ILE A 217 0.80 1.00 5.55
N ARG A 218 0.26 0.77 4.35
CA ARG A 218 -0.68 -0.33 4.13
C ARG A 218 -0.02 -1.67 4.42
N HIS A 219 1.23 -1.82 3.97
CA HIS A 219 1.98 -3.05 4.16
C HIS A 219 2.20 -3.35 5.63
N MET A 220 2.66 -2.34 6.38
CA MET A 220 2.90 -2.49 7.80
C MET A 220 1.61 -2.80 8.56
N SER A 221 0.50 -2.25 8.06
CA SER A 221 -0.81 -2.46 8.68
C SER A 221 -1.27 -3.90 8.55
N ASN A 222 -1.14 -4.45 7.34
CA ASN A 222 -1.54 -5.83 7.08
C ASN A 222 -0.71 -6.82 7.90
N LYS A 223 0.60 -6.57 7.98
CA LYS A 223 1.48 -7.43 8.75
C LYS A 223 1.24 -7.23 10.25
N GLY A 224 0.75 -6.05 10.61
CA GLY A 224 0.39 -5.76 11.99
C GLY A 224 -0.87 -6.50 12.41
N MET A 225 -1.83 -6.60 11.50
CA MET A 225 -3.11 -7.26 11.78
C MET A 225 -2.92 -8.72 12.18
N GLU A 226 -2.22 -9.47 11.33
CA GLU A 226 -1.97 -10.88 11.60
C GLU A 226 -1.12 -11.04 12.86
N HIS A 227 -0.32 -10.02 13.15
CA HIS A 227 0.45 -9.97 14.40
C HIS A 227 -0.49 -9.79 15.59
N LEU A 228 -1.61 -9.11 15.36
CA LEU A 228 -2.59 -8.86 16.42
C LEU A 228 -3.59 -10.00 16.55
N TYR A 229 -3.73 -10.77 15.46
CA TYR A 229 -4.58 -11.95 15.47
C TYR A 229 -3.95 -13.07 16.26
N SER A 230 -2.63 -13.15 16.23
CA SER A 230 -1.89 -14.19 16.92
C SER A 230 -1.94 -14.01 18.43
N MET A 231 -1.77 -12.76 18.88
CA MET A 231 -1.82 -12.46 20.31
C MET A 231 -3.25 -12.57 20.83
N LYS A 232 -4.20 -12.34 19.93
CA LYS A 232 -5.61 -12.56 20.27
C LYS A 232 -5.89 -14.05 20.32
N CYS A 233 -5.18 -14.81 19.50
CA CYS A 233 -5.29 -16.26 19.49
C CYS A 233 -4.24 -16.86 20.44
N LYS A 234 -4.12 -16.26 21.61
CA LYS A 234 -3.16 -16.71 22.62
C LYS A 234 -3.58 -16.23 24.00
N ASN A 235 -4.58 -15.35 24.03
CA ASN A 235 -5.10 -14.77 25.27
C ASN A 235 -4.00 -14.13 26.11
N VAL A 236 -3.05 -13.48 25.43
CA VAL A 236 -1.94 -12.82 26.11
C VAL A 236 -2.43 -11.65 26.95
N VAL A 237 -2.98 -10.64 26.28
CA VAL A 237 -3.54 -9.48 26.97
C VAL A 237 -5.04 -9.38 26.69
N PRO A 238 -5.83 -9.08 27.73
CA PRO A 238 -7.27 -8.85 27.54
C PRO A 238 -7.54 -7.64 26.64
N LEU A 239 -7.96 -7.90 25.40
CA LEU A 239 -8.29 -6.83 24.48
C LEU A 239 -9.71 -6.34 24.72
N SER A 240 -9.97 -5.07 24.43
CA SER A 240 -11.30 -4.51 24.60
C SER A 240 -12.25 -5.03 23.52
N ASP A 241 -13.54 -4.90 23.77
CA ASP A 241 -14.55 -5.36 22.81
C ASP A 241 -14.49 -4.57 21.51
N LEU A 242 -14.25 -3.26 21.64
CA LEU A 242 -14.14 -2.39 20.46
C LEU A 242 -12.96 -2.79 19.59
N LEU A 243 -11.81 -2.94 20.23
CA LEU A 243 -10.58 -3.31 19.54
C LEU A 243 -10.70 -4.71 18.93
N LEU A 244 -11.51 -5.55 19.56
CA LEU A 244 -11.77 -6.90 19.05
C LEU A 244 -12.62 -6.85 17.79
N GLU A 245 -13.63 -5.99 17.79
CA GLU A 245 -14.51 -5.85 16.63
C GLU A 245 -13.78 -5.21 15.46
N MET A 246 -12.84 -4.31 15.75
CA MET A 246 -12.02 -3.70 14.70
C MET A 246 -11.08 -4.75 14.12
N LEU A 247 -10.56 -5.62 14.99
CA LEU A 247 -9.64 -6.66 14.60
C LEU A 247 -10.35 -7.79 13.87
N ASP A 248 -11.60 -8.05 14.26
CA ASP A 248 -12.37 -9.13 13.67
C ASP A 248 -12.83 -8.78 12.26
N ALA A 249 -12.91 -7.48 11.98
CA ALA A 249 -13.39 -7.00 10.69
C ALA A 249 -12.42 -7.36 9.57
N HIS A 250 -11.15 -7.49 9.91
CA HIS A 250 -10.12 -7.84 8.92
C HIS A 250 -10.00 -9.36 8.77
N ARG A 251 -11.12 -10.05 8.84
CA ARG A 251 -11.13 -11.50 8.68
C ARG A 251 -12.42 -11.97 7.99
N SER B 8 25.52 5.70 -14.81
CA SER B 8 24.18 5.12 -14.87
C SER B 8 23.49 5.46 -16.19
N LEU B 9 22.90 4.44 -16.81
CA LEU B 9 22.15 4.63 -18.05
C LEU B 9 20.84 5.35 -17.76
N ALA B 10 20.28 5.07 -16.58
CA ALA B 10 19.06 5.75 -16.14
C ALA B 10 19.37 7.18 -15.76
N LEU B 11 18.37 7.89 -15.23
CA LEU B 11 18.49 9.30 -14.84
C LEU B 11 18.78 10.22 -16.03
N SER B 12 19.68 9.80 -16.90
CA SER B 12 20.01 10.56 -18.10
C SER B 12 19.05 10.25 -19.25
N LEU B 13 18.10 9.35 -18.98
CA LEU B 13 17.09 8.99 -19.98
C LEU B 13 15.98 10.02 -20.03
N THR B 14 15.56 10.37 -21.24
CA THR B 14 14.43 11.28 -21.43
C THR B 14 13.13 10.53 -21.10
N ALA B 15 12.04 11.27 -21.01
CA ALA B 15 10.75 10.68 -20.70
C ALA B 15 10.31 9.71 -21.79
N ASP B 16 10.51 10.10 -23.05
CA ASP B 16 10.14 9.25 -24.18
C ASP B 16 11.06 8.04 -24.29
N GLN B 17 12.32 8.21 -23.93
CA GLN B 17 13.27 7.11 -23.91
C GLN B 17 12.93 6.13 -22.79
N MET B 18 12.40 6.66 -21.70
CA MET B 18 11.97 5.84 -20.57
C MET B 18 10.78 4.98 -20.95
N VAL B 19 9.78 5.61 -21.58
CA VAL B 19 8.57 4.90 -22.01
C VAL B 19 8.89 3.77 -22.97
N SER B 20 9.63 4.09 -24.02
CA SER B 20 9.98 3.10 -25.05
C SER B 20 10.80 1.95 -24.48
N ALA B 21 11.63 2.26 -23.48
CA ALA B 21 12.44 1.24 -22.84
C ALA B 21 11.59 0.28 -22.00
N LEU B 22 10.55 0.82 -21.37
CA LEU B 22 9.65 0.00 -20.56
C LEU B 22 8.71 -0.81 -21.44
N LEU B 23 8.36 -0.26 -22.60
CA LEU B 23 7.41 -0.91 -23.50
C LEU B 23 8.00 -2.17 -24.15
N ASP B 24 9.20 -2.05 -24.71
CA ASP B 24 9.82 -3.17 -25.41
C ASP B 24 10.44 -4.16 -24.44
N ALA B 25 10.34 -3.87 -23.15
CA ALA B 25 10.83 -4.77 -22.11
C ALA B 25 9.70 -5.61 -21.55
N GLU B 26 8.50 -5.35 -22.04
CA GLU B 26 7.30 -6.05 -21.58
C GLU B 26 7.38 -7.56 -21.78
N PRO B 27 7.04 -8.32 -20.73
CA PRO B 27 6.97 -9.78 -20.82
C PRO B 27 5.74 -10.21 -21.63
N PRO B 28 5.80 -11.39 -22.24
CA PRO B 28 4.67 -11.87 -23.05
C PRO B 28 3.49 -12.32 -22.19
N ILE B 29 2.32 -12.47 -22.83
CA ILE B 29 1.15 -12.98 -22.14
C ILE B 29 1.04 -14.49 -22.37
N LEU B 30 1.41 -15.25 -21.34
CA LEU B 30 1.49 -16.71 -21.46
C LEU B 30 0.11 -17.37 -21.41
N TYR B 31 0.04 -18.61 -21.88
CA TYR B 31 -1.20 -19.38 -21.84
C TYR B 31 -1.21 -20.33 -20.65
N SER B 32 -2.41 -20.74 -20.25
CA SER B 32 -2.55 -21.69 -19.15
C SER B 32 -2.70 -23.11 -19.67
N GLU B 33 -2.93 -24.05 -18.76
CA GLU B 33 -3.14 -25.44 -19.14
C GLU B 33 -4.61 -25.81 -19.03
N TYR B 34 -5.47 -24.79 -19.09
CA TYR B 34 -6.90 -24.97 -18.89
C TYR B 34 -7.55 -25.81 -19.99
N ASP B 35 -8.38 -26.76 -19.57
CA ASP B 35 -9.13 -27.60 -20.49
C ASP B 35 -10.61 -27.55 -20.12
N PRO B 36 -11.44 -26.98 -21.02
CA PRO B 36 -12.89 -26.84 -20.81
C PRO B 36 -13.59 -28.16 -20.49
N THR B 37 -13.08 -29.26 -21.06
CA THR B 37 -13.67 -30.57 -20.84
C THR B 37 -13.42 -31.06 -19.42
N ARG B 38 -12.19 -30.89 -18.95
CA ARG B 38 -11.81 -31.33 -17.61
C ARG B 38 -12.53 -30.53 -16.53
N PRO B 39 -12.88 -31.19 -15.41
CA PRO B 39 -13.55 -30.55 -14.27
C PRO B 39 -12.75 -29.38 -13.70
N SER B 41 -12.78 -27.69 -10.40
CA SER B 41 -12.62 -27.58 -8.96
C SER B 41 -11.76 -26.38 -8.58
N GLU B 42 -11.76 -26.04 -7.30
CA GLU B 42 -10.94 -24.94 -6.80
C GLU B 42 -9.50 -25.39 -6.62
N ALA B 43 -9.30 -26.70 -6.47
CA ALA B 43 -7.98 -27.27 -6.30
C ALA B 43 -7.20 -27.26 -7.61
N SER B 44 -7.84 -27.75 -8.68
CA SER B 44 -7.22 -27.79 -9.99
C SER B 44 -7.03 -26.39 -10.55
N MET B 45 -7.89 -25.46 -10.14
CA MET B 45 -7.78 -24.07 -10.55
C MET B 45 -6.51 -23.44 -10.02
N MET B 46 -6.28 -23.62 -8.72
CA MET B 46 -5.08 -23.09 -8.07
C MET B 46 -3.83 -23.75 -8.62
N GLY B 47 -3.96 -25.00 -9.05
CA GLY B 47 -2.86 -25.70 -9.69
C GLY B 47 -2.55 -25.10 -11.04
N LEU B 48 -3.60 -24.67 -11.75
CA LEU B 48 -3.47 -24.01 -13.04
C LEU B 48 -2.84 -22.63 -12.89
N LEU B 49 -3.22 -21.94 -11.82
CA LEU B 49 -2.71 -20.60 -11.56
C LEU B 49 -1.29 -20.64 -11.02
N THR B 50 -1.00 -21.68 -10.23
CA THR B 50 0.35 -21.86 -9.69
C THR B 50 1.34 -22.13 -10.81
N ASN B 51 0.97 -23.01 -11.73
CA ASN B 51 1.80 -23.32 -12.88
C ASN B 51 2.00 -22.12 -13.78
N LEU B 52 0.94 -21.32 -13.92
CA LEU B 52 0.99 -20.11 -14.73
C LEU B 52 1.91 -19.06 -14.12
N ALA B 53 1.72 -18.83 -12.82
CA ALA B 53 2.51 -17.83 -12.10
C ALA B 53 3.99 -18.17 -12.09
N ASP B 54 4.29 -19.47 -11.94
CA ASP B 54 5.67 -19.94 -11.92
C ASP B 54 6.39 -19.66 -13.23
N ARG B 55 5.67 -19.80 -14.34
CA ARG B 55 6.25 -19.52 -15.65
C ARG B 55 6.32 -18.02 -15.91
N GLU B 56 5.45 -17.26 -15.25
CA GLU B 56 5.45 -15.81 -15.37
C GLU B 56 6.63 -15.19 -14.63
N LEU B 57 7.06 -15.83 -13.55
CA LEU B 57 8.15 -15.34 -12.73
C LEU B 57 9.46 -15.30 -13.50
N VAL B 58 9.67 -16.29 -14.37
CA VAL B 58 10.90 -16.36 -15.15
C VAL B 58 11.00 -15.17 -16.11
N HIS B 59 9.86 -14.77 -16.67
CA HIS B 59 9.81 -13.63 -17.58
C HIS B 59 9.91 -12.31 -16.81
N MET B 60 9.36 -12.30 -15.59
CA MET B 60 9.40 -11.11 -14.75
C MET B 60 10.82 -10.76 -14.35
N ILE B 61 11.61 -11.79 -14.04
CA ILE B 61 13.00 -11.61 -13.64
C ILE B 61 13.81 -10.96 -14.76
N ASN B 62 13.65 -11.48 -15.97
CA ASN B 62 14.33 -10.92 -17.13
C ASN B 62 13.75 -9.56 -17.52
N TRP B 63 12.49 -9.33 -17.17
CA TRP B 63 11.86 -8.03 -17.38
C TRP B 63 12.44 -7.00 -16.43
N ALA B 64 12.68 -7.41 -15.19
CA ALA B 64 13.22 -6.51 -14.17
C ALA B 64 14.62 -6.05 -14.55
N LYS B 65 15.39 -6.92 -15.19
CA LYS B 65 16.74 -6.59 -15.62
C LYS B 65 16.76 -5.46 -16.64
N ARG B 66 15.66 -5.34 -17.39
CA ARG B 66 15.57 -4.32 -18.44
C ARG B 66 14.88 -3.05 -17.93
N VAL B 67 14.56 -3.03 -16.64
CA VAL B 67 14.02 -1.83 -16.01
C VAL B 67 15.16 -0.88 -15.67
N PRO B 68 15.10 0.35 -16.22
CA PRO B 68 16.14 1.37 -16.05
C PRO B 68 16.55 1.62 -14.60
N GLY B 69 17.78 1.26 -14.26
CA GLY B 69 18.31 1.50 -12.93
C GLY B 69 18.31 0.28 -12.03
N PHE B 70 17.60 -0.77 -12.44
CA PHE B 70 17.48 -1.97 -11.63
C PHE B 70 18.77 -2.76 -11.57
N VAL B 71 19.50 -2.81 -12.68
CA VAL B 71 20.76 -3.54 -12.75
C VAL B 71 21.91 -2.75 -12.13
N ASP B 72 21.64 -1.51 -11.74
CA ASP B 72 22.63 -0.69 -11.06
C ASP B 72 22.72 -1.09 -9.59
N LEU B 73 21.69 -1.77 -9.11
CA LEU B 73 21.63 -2.21 -7.73
C LEU B 73 22.48 -3.46 -7.50
N THR B 74 22.82 -3.72 -6.25
CA THR B 74 23.55 -4.94 -5.90
C THR B 74 22.64 -6.14 -6.10
N LEU B 75 23.24 -7.32 -6.21
CA LEU B 75 22.47 -8.54 -6.47
C LEU B 75 21.53 -8.86 -5.31
N HIS B 76 21.99 -8.62 -4.09
CA HIS B 76 21.17 -8.86 -2.90
C HIS B 76 19.98 -7.90 -2.83
N ASP B 77 20.12 -6.73 -3.44
CA ASP B 77 19.04 -5.76 -3.48
C ASP B 77 17.97 -6.19 -4.50
N GLN B 78 18.43 -6.64 -5.66
CA GLN B 78 17.53 -7.10 -6.71
C GLN B 78 16.67 -8.27 -6.24
N VAL B 79 17.27 -9.17 -5.47
CA VAL B 79 16.56 -10.31 -4.90
C VAL B 79 15.46 -9.84 -3.96
N HIS B 80 15.78 -8.85 -3.12
CA HIS B 80 14.83 -8.34 -2.14
C HIS B 80 13.64 -7.63 -2.79
N LEU B 81 13.91 -6.85 -3.82
CA LEU B 81 12.86 -6.09 -4.51
C LEU B 81 11.84 -7.02 -5.18
N LEU B 82 12.33 -8.10 -5.76
CA LEU B 82 11.47 -9.06 -6.43
C LEU B 82 10.75 -9.96 -5.44
N GLU B 83 11.43 -10.32 -4.35
CA GLU B 83 10.84 -11.17 -3.31
C GLU B 83 9.65 -10.48 -2.65
N CYS B 84 9.67 -9.15 -2.65
CA CYS B 84 8.65 -8.37 -1.96
C CYS B 84 7.50 -7.98 -2.88
N ALA B 85 7.76 -7.87 -4.17
CA ALA B 85 6.78 -7.30 -5.09
C ALA B 85 6.37 -8.21 -6.25
N TRP B 86 6.75 -9.49 -6.19
CA TRP B 86 6.48 -10.39 -7.30
C TRP B 86 4.98 -10.61 -7.49
N LEU B 87 4.23 -10.69 -6.39
CA LEU B 87 2.80 -10.89 -6.48
C LEU B 87 2.08 -9.61 -6.88
N GLU B 88 2.62 -8.47 -6.46
CA GLU B 88 2.08 -7.17 -6.85
C GLU B 88 2.20 -6.94 -8.34
N ILE B 89 3.37 -7.26 -8.89
CA ILE B 89 3.63 -7.12 -10.31
C ILE B 89 2.74 -8.06 -11.12
N LEU B 90 2.58 -9.28 -10.62
CA LEU B 90 1.70 -10.26 -11.24
C LEU B 90 0.25 -9.77 -11.25
N MET B 91 -0.18 -9.22 -10.12
CA MET B 91 -1.57 -8.80 -9.96
C MET B 91 -1.92 -7.60 -10.84
N ILE B 92 -1.04 -6.60 -10.88
CA ILE B 92 -1.30 -5.42 -11.69
C ILE B 92 -1.27 -5.79 -13.17
N GLY B 93 -0.54 -6.86 -13.50
CA GLY B 93 -0.53 -7.38 -14.85
C GLY B 93 -1.84 -8.07 -15.16
N LEU B 94 -2.32 -8.88 -14.22
CA LEU B 94 -3.60 -9.56 -14.33
C LEU B 94 -4.74 -8.55 -14.45
N VAL B 95 -4.68 -7.52 -13.61
CA VAL B 95 -5.69 -6.47 -13.62
C VAL B 95 -5.67 -5.71 -14.94
N TRP B 96 -4.48 -5.45 -15.46
CA TRP B 96 -4.32 -4.76 -16.74
C TRP B 96 -4.90 -5.57 -17.90
N ARG B 97 -4.66 -6.88 -17.88
CA ARG B 97 -5.16 -7.76 -18.94
C ARG B 97 -6.68 -7.89 -18.90
N SER B 98 -7.23 -7.84 -17.70
CA SER B 98 -8.66 -8.03 -17.51
C SER B 98 -9.45 -6.73 -17.64
N MET B 99 -8.76 -5.69 -18.12
CA MET B 99 -9.34 -4.36 -18.20
C MET B 99 -10.52 -4.29 -19.17
N GLU B 100 -10.46 -5.09 -20.23
CA GLU B 100 -11.51 -5.09 -21.24
C GLU B 100 -12.46 -6.27 -21.10
N HIS B 101 -12.46 -6.89 -19.92
CA HIS B 101 -13.36 -8.00 -19.64
C HIS B 101 -14.09 -7.82 -18.32
N PRO B 102 -15.14 -6.98 -18.32
CA PRO B 102 -15.91 -6.64 -17.12
C PRO B 102 -16.49 -7.85 -16.40
N GLY B 103 -16.24 -7.95 -15.11
CA GLY B 103 -16.75 -9.05 -14.30
C GLY B 103 -15.93 -10.32 -14.45
N LYS B 104 -14.86 -10.24 -15.25
CA LYS B 104 -14.02 -11.39 -15.51
C LYS B 104 -12.54 -11.07 -15.27
N LEU B 105 -11.77 -12.07 -14.87
CA LEU B 105 -10.33 -11.91 -14.72
C LEU B 105 -9.59 -12.73 -15.77
N LEU B 106 -8.82 -12.04 -16.60
CA LEU B 106 -8.10 -12.70 -17.69
C LEU B 106 -6.71 -13.15 -17.23
N PHE B 107 -6.67 -14.32 -16.60
CA PHE B 107 -5.40 -14.91 -16.17
C PHE B 107 -4.57 -15.28 -17.39
N ALA B 108 -5.24 -15.72 -18.43
CA ALA B 108 -4.61 -16.11 -19.69
C ALA B 108 -5.65 -16.03 -20.81
N PRO B 109 -5.19 -15.86 -22.06
CA PRO B 109 -6.12 -15.81 -23.20
C PRO B 109 -7.04 -17.02 -23.31
N ASN B 110 -6.68 -18.11 -22.65
CA ASN B 110 -7.51 -19.31 -22.64
C ASN B 110 -8.11 -19.58 -21.25
N LEU B 111 -7.83 -18.68 -20.32
CA LEU B 111 -8.36 -18.81 -18.96
C LEU B 111 -9.01 -17.52 -18.48
N LEU B 112 -10.28 -17.34 -18.83
CA LEU B 112 -11.05 -16.17 -18.43
C LEU B 112 -12.13 -16.56 -17.41
N LEU B 113 -11.87 -16.24 -16.14
CA LEU B 113 -12.75 -16.70 -15.06
C LEU B 113 -13.56 -15.57 -14.43
N ASP B 114 -14.75 -15.92 -13.94
CA ASP B 114 -15.59 -14.98 -13.19
C ASP B 114 -15.55 -15.33 -11.71
N ARG B 115 -16.35 -14.61 -10.92
CA ARG B 115 -16.37 -14.82 -9.47
C ARG B 115 -16.88 -16.22 -9.13
N ASN B 116 -17.71 -16.78 -10.00
CA ASN B 116 -18.28 -18.10 -9.78
C ASN B 116 -17.36 -19.21 -10.28
N VAL B 121 -13.52 -21.29 -2.71
CA VAL B 121 -13.37 -21.09 -1.27
C VAL B 121 -13.41 -19.61 -0.91
N GLU B 122 -14.21 -19.28 0.10
CA GLU B 122 -14.37 -17.89 0.55
C GLU B 122 -13.04 -17.29 1.00
N GLY B 123 -12.92 -15.98 0.90
CA GLY B 123 -11.67 -15.30 1.18
C GLY B 123 -10.91 -15.09 -0.12
N MET B 124 -10.91 -16.12 -0.96
CA MET B 124 -10.30 -16.02 -2.28
C MET B 124 -11.24 -15.27 -3.23
N VAL B 125 -12.53 -15.29 -2.89
CA VAL B 125 -13.54 -14.58 -3.68
C VAL B 125 -13.48 -13.09 -3.36
N GLU B 126 -13.13 -12.75 -2.12
CA GLU B 126 -12.99 -11.37 -1.71
C GLU B 126 -11.82 -10.72 -2.45
N ILE B 127 -10.71 -11.46 -2.56
CA ILE B 127 -9.56 -11.01 -3.31
C ILE B 127 -9.92 -10.89 -4.79
N PHE B 128 -10.72 -11.83 -5.27
CA PHE B 128 -11.18 -11.84 -6.65
C PHE B 128 -11.95 -10.56 -6.96
N ASP B 129 -12.82 -10.15 -6.04
CA ASP B 129 -13.62 -8.95 -6.21
C ASP B 129 -12.76 -7.68 -6.14
N MET B 130 -11.75 -7.70 -5.28
CA MET B 130 -10.82 -6.58 -5.19
C MET B 130 -10.00 -6.44 -6.47
N LEU B 131 -9.72 -7.57 -7.10
CA LEU B 131 -9.03 -7.56 -8.39
C LEU B 131 -9.93 -7.02 -9.48
N LEU B 132 -11.22 -7.37 -9.40
CA LEU B 132 -12.20 -6.88 -10.36
C LEU B 132 -12.43 -5.38 -10.21
N ALA B 133 -12.49 -4.92 -8.97
CA ALA B 133 -12.69 -3.50 -8.69
C ALA B 133 -11.54 -2.66 -9.22
N THR B 134 -10.32 -3.18 -9.09
CA THR B 134 -9.15 -2.49 -9.60
C THR B 134 -9.17 -2.48 -11.13
N SER B 135 -9.61 -3.60 -11.72
CA SER B 135 -9.73 -3.69 -13.17
C SER B 135 -10.79 -2.73 -13.68
N SER B 136 -11.89 -2.60 -12.93
CA SER B 136 -12.93 -1.65 -13.26
C SER B 136 -12.44 -0.23 -13.06
N ARG B 137 -11.54 -0.04 -12.10
CA ARG B 137 -10.98 1.27 -11.80
C ARG B 137 -10.05 1.73 -12.93
N PHE B 138 -9.27 0.81 -13.47
CA PHE B 138 -8.39 1.12 -14.59
C PHE B 138 -9.20 1.46 -15.84
N ARG B 139 -10.32 0.76 -16.01
CA ARG B 139 -11.15 0.93 -17.20
C ARG B 139 -11.86 2.29 -17.21
N MET B 140 -12.32 2.73 -16.05
CA MET B 140 -13.04 4.00 -15.95
C MET B 140 -12.07 5.18 -16.07
N MET B 141 -10.79 4.92 -15.81
CA MET B 141 -9.76 5.95 -15.92
C MET B 141 -9.12 5.94 -17.30
N ASN B 142 -9.46 4.92 -18.10
CA ASN B 142 -8.87 4.72 -19.42
C ASN B 142 -7.34 4.67 -19.32
N LEU B 143 -6.84 3.72 -18.53
CA LEU B 143 -5.41 3.58 -18.30
C LEU B 143 -4.67 3.24 -19.58
N GLN B 144 -3.58 3.95 -19.84
CA GLN B 144 -2.77 3.72 -21.04
C GLN B 144 -1.64 2.74 -20.74
N GLY B 145 -1.16 2.07 -21.78
CA GLY B 145 -0.06 1.13 -21.65
C GLY B 145 1.21 1.82 -21.17
N GLU B 146 1.42 3.05 -21.63
CA GLU B 146 2.57 3.83 -21.21
C GLU B 146 2.50 4.16 -19.73
N GLU B 147 1.29 4.31 -19.22
CA GLU B 147 1.08 4.57 -17.80
C GLU B 147 1.23 3.30 -16.99
N PHE B 148 0.80 2.18 -17.56
CA PHE B 148 0.87 0.89 -16.89
C PHE B 148 2.29 0.41 -16.69
N VAL B 149 3.12 0.55 -17.73
CA VAL B 149 4.52 0.11 -17.66
C VAL B 149 5.31 0.97 -16.68
N CYS B 150 4.83 2.19 -16.43
CA CYS B 150 5.43 3.06 -15.44
C CYS B 150 5.02 2.62 -14.03
N LEU B 151 3.73 2.34 -13.87
CA LEU B 151 3.19 1.91 -12.58
C LEU B 151 3.83 0.60 -12.13
N LYS B 152 3.98 -0.34 -13.06
CA LYS B 152 4.54 -1.64 -12.76
C LYS B 152 6.01 -1.52 -12.37
N SER B 153 6.72 -0.58 -12.98
CA SER B 153 8.11 -0.33 -12.66
C SER B 153 8.25 0.31 -11.29
N ILE B 154 7.31 1.19 -10.94
CA ILE B 154 7.29 1.83 -9.64
C ILE B 154 7.14 0.79 -8.54
N ILE B 155 6.21 -0.13 -8.73
CA ILE B 155 5.98 -1.23 -7.79
C ILE B 155 7.25 -2.02 -7.53
N LEU B 156 7.98 -2.34 -8.60
CA LEU B 156 9.22 -3.09 -8.50
C LEU B 156 10.26 -2.39 -7.63
N LEU B 157 10.33 -1.07 -7.76
CA LEU B 157 11.36 -0.29 -7.09
C LEU B 157 10.93 0.24 -5.73
N ASN B 158 9.63 0.47 -5.56
CA ASN B 158 9.12 1.10 -4.35
C ASN B 158 8.73 0.11 -3.25
N SER B 159 8.14 -1.02 -3.63
CA SER B 159 7.60 -1.97 -2.66
C SER B 159 8.65 -2.50 -1.68
N GLY B 160 9.90 -2.49 -2.08
CA GLY B 160 10.98 -2.99 -1.23
C GLY B 160 12.10 -2.00 -1.00
N VAL B 161 11.84 -0.71 -1.21
CA VAL B 161 12.86 0.31 -0.99
C VAL B 161 13.13 0.44 0.52
N TYR B 162 12.12 0.12 1.32
CA TYR B 162 12.31 -0.04 2.75
C TYR B 162 12.28 -1.54 3.04
N THR B 163 12.61 -1.91 4.27
CA THR B 163 12.84 -3.30 4.68
C THR B 163 14.16 -3.84 4.11
N PHE B 164 15.11 -2.94 3.84
CA PHE B 164 16.43 -3.35 3.39
C PHE B 164 17.22 -4.00 4.53
N LYS B 170 28.36 -0.40 6.12
CA LYS B 170 26.98 0.03 6.21
C LYS B 170 26.90 1.53 6.16
N SER B 171 26.18 2.01 5.14
CA SER B 171 26.30 3.34 4.57
C SER B 171 26.27 3.24 3.05
N LEU B 172 26.43 2.03 2.54
CA LEU B 172 25.34 1.29 1.90
C LEU B 172 24.82 1.98 0.64
N GLU B 173 23.52 1.93 0.42
CA GLU B 173 22.76 3.13 0.11
C GLU B 173 23.35 3.92 -1.02
N GLU B 174 22.92 3.58 -2.23
CA GLU B 174 21.63 4.02 -2.73
C GLU B 174 20.51 2.95 -2.71
N LYS B 175 19.74 2.95 -1.63
CA LYS B 175 18.33 3.28 -1.65
C LYS B 175 18.08 4.59 -2.34
N ASP B 176 19.11 5.29 -2.70
CA ASP B 176 19.03 6.71 -2.85
C ASP B 176 18.94 6.98 -4.33
N HIS B 177 19.50 6.05 -5.04
CA HIS B 177 19.43 5.88 -6.49
C HIS B 177 18.04 5.41 -6.93
N ILE B 178 17.43 4.51 -6.16
CA ILE B 178 16.07 4.05 -6.45
C ILE B 178 15.10 5.23 -6.35
N HIS B 179 15.28 6.04 -5.32
CA HIS B 179 14.50 7.26 -5.16
C HIS B 179 14.73 8.22 -6.33
N ARG B 180 15.95 8.23 -6.86
CA ARG B 180 16.27 9.07 -8.02
C ARG B 180 15.55 8.57 -9.27
N VAL B 181 15.48 7.25 -9.42
CA VAL B 181 14.81 6.66 -10.58
C VAL B 181 13.29 6.79 -10.44
N LEU B 182 12.79 6.63 -9.23
CA LEU B 182 11.36 6.78 -8.95
C LEU B 182 10.87 8.17 -9.32
N ASP B 183 11.72 9.17 -9.10
CA ASP B 183 11.41 10.53 -9.50
C ASP B 183 11.34 10.66 -11.02
N LYS B 184 12.24 9.95 -11.70
CA LYS B 184 12.28 9.96 -13.16
C LYS B 184 11.00 9.38 -13.75
N ILE B 185 10.54 8.27 -13.18
CA ILE B 185 9.31 7.62 -13.63
C ILE B 185 8.11 8.52 -13.36
N THR B 186 8.16 9.26 -12.26
CA THR B 186 7.12 10.24 -11.93
C THR B 186 7.08 11.33 -12.98
N ASP B 187 8.25 11.85 -13.32
CA ASP B 187 8.37 12.85 -14.38
C ASP B 187 7.83 12.30 -15.69
N THR B 188 8.10 11.03 -15.93
CA THR B 188 7.63 10.35 -17.14
C THR B 188 6.10 10.29 -17.18
N LEU B 189 5.50 9.93 -16.05
CA LEU B 189 4.04 9.86 -15.95
C LEU B 189 3.39 11.21 -16.26
N ILE B 190 3.96 12.27 -15.71
CA ILE B 190 3.46 13.62 -15.95
C ILE B 190 3.60 14.00 -17.42
N HIS B 191 4.74 13.64 -18.01
CA HIS B 191 5.00 13.91 -19.42
C HIS B 191 3.95 13.25 -20.31
N LEU B 192 3.50 12.07 -19.90
CA LEU B 192 2.49 11.34 -20.65
C LEU B 192 1.13 12.01 -20.55
N MET B 193 0.78 12.47 -19.35
CA MET B 193 -0.50 13.12 -19.12
C MET B 193 -0.55 14.49 -19.80
N ALA B 194 0.59 15.17 -19.83
CA ALA B 194 0.67 16.47 -20.48
C ALA B 194 0.48 16.33 -21.99
N LYS B 195 0.96 15.22 -22.54
CA LYS B 195 0.80 14.94 -23.96
C LYS B 195 -0.62 14.49 -24.27
N ALA B 196 -1.36 14.13 -23.23
CA ALA B 196 -2.73 13.67 -23.39
C ALA B 196 -3.72 14.83 -23.35
N GLY B 197 -3.20 16.05 -23.29
CA GLY B 197 -4.02 17.25 -23.29
C GLY B 197 -4.65 17.55 -21.95
N LEU B 198 -4.21 16.83 -20.92
CA LEU B 198 -4.72 17.05 -19.57
C LEU B 198 -4.17 18.35 -18.98
N THR B 199 -5.04 19.11 -18.32
CA THR B 199 -4.63 20.36 -17.68
C THR B 199 -3.68 20.07 -16.52
N LEU B 200 -2.97 21.10 -16.07
CA LEU B 200 -1.98 20.95 -15.01
C LEU B 200 -2.59 20.39 -13.73
N GLN B 201 -3.85 20.74 -13.48
CA GLN B 201 -4.56 20.22 -12.32
C GLN B 201 -4.92 18.76 -12.49
N GLN B 202 -5.37 18.40 -13.70
CA GLN B 202 -5.78 17.04 -14.00
C GLN B 202 -4.61 16.06 -13.93
N GLN B 203 -3.42 16.55 -14.24
CA GLN B 203 -2.21 15.72 -14.20
C GLN B 203 -1.87 15.30 -12.78
N HIS B 204 -2.00 16.23 -11.84
CA HIS B 204 -1.73 15.95 -10.44
C HIS B 204 -2.77 15.03 -9.84
N GLN B 205 -4.02 15.23 -10.24
CA GLN B 205 -5.11 14.40 -9.76
C GLN B 205 -4.99 12.97 -10.27
N ARG B 206 -4.71 12.83 -11.56
CA ARG B 206 -4.56 11.50 -12.17
C ARG B 206 -3.34 10.78 -11.61
N LEU B 207 -2.26 11.53 -11.39
CA LEU B 207 -1.05 10.98 -10.79
C LEU B 207 -1.36 10.41 -9.41
N ALA B 208 -2.12 11.17 -8.61
CA ALA B 208 -2.52 10.73 -7.30
C ALA B 208 -3.43 9.51 -7.39
N GLN B 209 -4.34 9.52 -8.36
CA GLN B 209 -5.27 8.42 -8.57
C GLN B 209 -4.53 7.12 -8.86
N LEU B 210 -3.51 7.20 -9.72
CA LEU B 210 -2.74 6.03 -10.10
C LEU B 210 -1.97 5.44 -8.92
N LEU B 211 -1.35 6.30 -8.13
CA LEU B 211 -0.49 5.86 -7.04
C LEU B 211 -1.29 5.38 -5.83
N LEU B 212 -2.52 5.86 -5.69
CA LEU B 212 -3.39 5.39 -4.62
C LEU B 212 -3.83 3.96 -4.88
N ILE B 213 -3.91 3.59 -6.16
CA ILE B 213 -4.26 2.24 -6.55
C ILE B 213 -3.17 1.26 -6.16
N LEU B 214 -1.92 1.74 -6.15
CA LEU B 214 -0.78 0.93 -5.74
C LEU B 214 -0.90 0.46 -4.30
N SER B 215 -1.62 1.22 -3.48
CA SER B 215 -1.89 0.85 -2.10
C SER B 215 -2.85 -0.34 -2.05
N HIS B 216 -3.79 -0.36 -2.98
CA HIS B 216 -4.74 -1.45 -3.10
C HIS B 216 -4.06 -2.72 -3.60
N ILE B 217 -3.14 -2.56 -4.54
CA ILE B 217 -2.39 -3.67 -5.10
C ILE B 217 -1.50 -4.30 -4.02
N ARG B 218 -0.94 -3.45 -3.18
CA ARG B 218 -0.17 -3.90 -2.03
C ARG B 218 -1.05 -4.73 -1.09
N HIS B 219 -2.25 -4.21 -0.83
CA HIS B 219 -3.19 -4.88 0.06
C HIS B 219 -3.57 -6.26 -0.46
N MET B 220 -3.98 -6.32 -1.73
CA MET B 220 -4.37 -7.58 -2.36
C MET B 220 -3.23 -8.58 -2.36
N SER B 221 -2.01 -8.08 -2.49
CA SER B 221 -0.82 -8.93 -2.49
C SER B 221 -0.61 -9.56 -1.12
N ASN B 222 -0.71 -8.75 -0.08
CA ASN B 222 -0.53 -9.20 1.29
C ASN B 222 -1.53 -10.30 1.68
N LYS B 223 -2.78 -10.11 1.26
CA LYS B 223 -3.83 -11.07 1.57
C LYS B 223 -3.68 -12.31 0.69
N GLY B 224 -3.04 -12.13 -0.46
CA GLY B 224 -2.78 -13.24 -1.36
C GLY B 224 -1.69 -14.16 -0.82
N MET B 225 -0.68 -13.54 -0.19
CA MET B 225 0.43 -14.29 0.39
C MET B 225 -0.02 -15.24 1.49
N GLU B 226 -0.80 -14.72 2.43
CA GLU B 226 -1.26 -15.51 3.56
C GLU B 226 -2.22 -16.62 3.10
N HIS B 227 -2.88 -16.39 1.98
CA HIS B 227 -3.73 -17.42 1.38
C HIS B 227 -2.86 -18.48 0.70
N LEU B 228 -1.77 -18.03 0.11
CA LEU B 228 -0.81 -18.93 -0.54
C LEU B 228 -0.01 -19.71 0.50
N TYR B 229 0.18 -19.11 1.66
CA TYR B 229 0.93 -19.75 2.74
C TYR B 229 0.12 -20.88 3.39
N SER B 230 -1.18 -20.69 3.48
CA SER B 230 -2.07 -21.70 4.04
C SER B 230 -2.25 -22.85 3.05
N MET B 231 -2.28 -22.52 1.77
CA MET B 231 -2.39 -23.53 0.71
C MET B 231 -1.14 -24.41 0.70
N LYS B 232 0.01 -23.80 1.01
CA LYS B 232 1.26 -24.53 1.11
C LYS B 232 1.24 -25.49 2.30
N CYS B 233 0.83 -24.98 3.45
CA CYS B 233 0.75 -25.78 4.67
C CYS B 233 -0.52 -26.62 4.72
N LYS B 234 -0.86 -27.22 3.58
CA LYS B 234 -2.04 -28.07 3.48
C LYS B 234 -1.92 -28.96 2.25
N ASN B 235 -0.79 -28.85 1.56
CA ASN B 235 -0.51 -29.61 0.35
C ASN B 235 -1.55 -29.38 -0.74
N VAL B 236 -2.20 -30.47 -1.16
CA VAL B 236 -3.17 -30.44 -2.24
C VAL B 236 -2.55 -29.85 -3.51
N VAL B 237 -2.68 -28.53 -3.66
CA VAL B 237 -2.05 -27.83 -4.78
C VAL B 237 -0.61 -27.51 -4.45
N PRO B 238 0.34 -28.17 -5.15
CA PRO B 238 1.77 -28.01 -4.86
C PRO B 238 2.36 -26.76 -5.51
N LEU B 239 3.40 -26.23 -4.89
CA LEU B 239 4.08 -25.04 -5.41
C LEU B 239 5.44 -25.43 -5.98
N SER B 240 5.87 -24.71 -7.00
CA SER B 240 7.17 -24.95 -7.60
C SER B 240 8.29 -24.50 -6.67
N ASP B 241 9.52 -24.89 -6.98
CA ASP B 241 10.66 -24.58 -6.12
C ASP B 241 10.93 -23.08 -6.02
N LEU B 242 10.83 -22.38 -7.16
CA LEU B 242 11.03 -20.93 -7.17
C LEU B 242 9.90 -20.22 -6.43
N LEU B 243 8.68 -20.66 -6.68
CA LEU B 243 7.50 -20.04 -6.09
C LEU B 243 7.46 -20.27 -4.57
N LEU B 244 8.08 -21.36 -4.12
CA LEU B 244 8.14 -21.66 -2.70
C LEU B 244 9.14 -20.75 -1.98
N GLU B 245 10.25 -20.45 -2.64
CA GLU B 245 11.27 -19.58 -2.05
C GLU B 245 10.84 -18.13 -2.05
N MET B 246 10.02 -17.76 -3.03
CA MET B 246 9.43 -16.43 -3.07
C MET B 246 8.46 -16.24 -1.91
N LEU B 247 7.76 -17.32 -1.58
CA LEU B 247 6.74 -17.29 -0.54
C LEU B 247 7.36 -17.21 0.85
N ASP B 248 8.48 -17.90 1.04
CA ASP B 248 9.18 -17.91 2.31
C ASP B 248 9.79 -16.56 2.64
N ALA B 249 9.95 -15.72 1.62
CA ALA B 249 10.49 -14.38 1.80
C ALA B 249 9.50 -13.49 2.56
N HIS B 250 8.23 -13.86 2.53
CA HIS B 250 7.19 -13.14 3.25
C HIS B 250 6.82 -13.85 4.54
N ARG B 251 7.81 -14.51 5.15
CA ARG B 251 7.59 -15.22 6.40
C ARG B 251 8.84 -15.17 7.28
N LYS C 3 19.80 -19.26 -3.69
CA LYS C 3 18.38 -19.30 -4.05
C LYS C 3 18.20 -19.20 -5.56
N ILE C 4 17.07 -19.70 -6.04
CA ILE C 4 16.78 -19.71 -7.47
C ILE C 4 16.69 -18.30 -8.05
N LEU C 5 16.02 -17.41 -7.34
CA LEU C 5 15.91 -16.02 -7.75
C LEU C 5 17.28 -15.38 -7.85
N HIS C 6 18.14 -15.68 -6.89
CA HIS C 6 19.51 -15.18 -6.90
C HIS C 6 20.29 -15.75 -8.08
N ARG C 7 19.95 -16.97 -8.46
CA ARG C 7 20.62 -17.64 -9.58
C ARG C 7 20.22 -17.03 -10.91
N LEU C 8 18.92 -16.89 -11.13
CA LEU C 8 18.39 -16.39 -12.39
C LEU C 8 18.74 -14.92 -12.61
N LEU C 9 18.76 -14.14 -11.53
CA LEU C 9 19.15 -12.74 -11.61
C LEU C 9 20.62 -12.60 -11.99
N GLN C 10 21.43 -13.56 -11.57
CA GLN C 10 22.86 -13.53 -11.81
C GLN C 10 23.21 -13.97 -13.23
N ASP C 11 22.48 -14.96 -13.74
CA ASP C 11 22.70 -15.45 -15.09
C ASP C 11 22.21 -14.43 -16.12
N HIS D 2 -24.81 -4.89 15.46
CA HIS D 2 -24.41 -5.26 16.82
C HIS D 2 -23.01 -4.73 17.13
N LYS D 3 -22.45 -3.95 16.21
CA LYS D 3 -21.11 -3.40 16.39
C LYS D 3 -21.11 -2.19 17.31
N ILE D 4 -20.02 -2.02 18.06
CA ILE D 4 -19.84 -0.85 18.90
C ILE D 4 -19.56 0.37 18.02
N LEU D 5 -18.91 0.12 16.89
CA LEU D 5 -18.57 1.17 15.94
C LEU D 5 -19.82 1.85 15.39
N HIS D 6 -20.93 1.12 15.37
CA HIS D 6 -22.21 1.68 14.95
C HIS D 6 -22.67 2.78 15.92
N ARG D 7 -22.54 2.50 17.21
CA ARG D 7 -22.99 3.43 18.25
C ARG D 7 -22.10 4.66 18.32
N LEU D 8 -20.79 4.44 18.28
CA LEU D 8 -19.82 5.52 18.47
C LEU D 8 -19.85 6.54 17.33
N LEU D 9 -20.26 6.10 16.15
CA LEU D 9 -20.32 6.98 14.98
C LEU D 9 -21.56 7.87 15.00
N GLN D 10 -22.42 7.66 15.98
CA GLN D 10 -23.64 8.46 16.12
C GLN D 10 -23.54 9.40 17.32
N ASP D 11 -22.61 9.11 18.22
CA ASP D 11 -22.41 9.91 19.42
C ASP D 11 -21.46 11.07 19.15
#